data_2VXG
#
_entry.id   2VXG
#
_cell.length_a   38.240
_cell.length_b   65.870
_cell.length_c   103.780
_cell.angle_alpha   90.00
_cell.angle_beta   90.00
_cell.angle_gamma   90.00
#
_symmetry.space_group_name_H-M   'P 21 21 21'
#
loop_
_entity.id
_entity.type
_entity.pdbx_description
1 polymer 'CG6181-PA, ISOFORM A'
2 water water
#
_entity_poly.entity_id   1
_entity_poly.type   'polypeptide(L)'
_entity_poly.pdbx_seq_one_letter_code
;GAMGDSIKQLLMAGQINKAFHQALLANDLGLVEFTLRHTDSNQAFAPEGCRLEQKVLLSLIQQISADMTNHNELKQRYLN
EALLAINMADPITREHAPKVLTELYRNCQQFIKNSPKNSQFSNVRLLMKAIITYRDQLK
;
_entity_poly.pdbx_strand_id   A,B
#
# COMPACT_ATOMS: atom_id res chain seq x y z
N GLY A 1 4.52 -10.87 15.39
CA GLY A 1 4.42 -12.14 14.63
C GLY A 1 5.43 -12.20 13.51
N ALA A 2 5.13 -12.96 12.45
CA ALA A 2 6.08 -13.25 11.38
C ALA A 2 6.49 -12.00 10.58
N MET A 3 5.53 -11.11 10.32
CA MET A 3 5.81 -9.86 9.65
C MET A 3 6.73 -8.94 10.46
N GLY A 4 6.37 -8.66 11.71
CA GLY A 4 7.20 -7.81 12.57
C GLY A 4 8.63 -8.34 12.71
N ASP A 5 8.74 -9.63 12.94
CA ASP A 5 10.01 -10.35 13.00
C ASP A 5 10.82 -10.16 11.75
N SER A 6 10.18 -10.32 10.60
CA SER A 6 10.88 -10.17 9.33
C SER A 6 11.38 -8.75 9.16
N ILE A 7 10.52 -7.81 9.50
CA ILE A 7 10.87 -6.37 9.50
C ILE A 7 12.04 -6.05 10.40
N LYS A 8 12.06 -6.58 11.61
CA LYS A 8 13.18 -6.30 12.51
C LYS A 8 14.46 -6.87 11.94
N GLN A 9 14.36 -8.07 11.40
CA GLN A 9 15.45 -8.73 10.68
C GLN A 9 16.05 -7.89 9.56
N LEU A 10 15.18 -7.41 8.69
CA LEU A 10 15.58 -6.59 7.52
C LEU A 10 16.30 -5.33 7.96
N LEU A 11 15.67 -4.61 8.89
CA LEU A 11 16.25 -3.40 9.52
C LEU A 11 17.60 -3.64 10.16
N MET A 12 17.77 -4.75 10.88
CA MET A 12 19.10 -5.06 11.45
C MET A 12 20.09 -5.33 10.33
N ALA A 13 19.64 -5.99 9.26
CA ALA A 13 20.50 -6.26 8.12
C ALA A 13 20.79 -4.98 7.32
N GLY A 14 20.04 -3.92 7.58
CA GLY A 14 20.24 -2.64 6.90
C GLY A 14 19.45 -2.58 5.61
N GLN A 15 18.62 -3.61 5.39
CA GLN A 15 17.72 -3.64 4.24
C GLN A 15 16.45 -2.81 4.53
N ILE A 16 16.66 -1.50 4.70
CA ILE A 16 15.60 -0.62 5.20
C ILE A 16 14.40 -0.46 4.26
N ASN A 17 14.64 -0.31 2.96
CA ASN A 17 13.52 -0.18 2.03
C ASN A 17 12.71 -1.47 1.95
N LYS A 18 13.37 -2.61 1.91
CA LYS A 18 12.63 -3.88 1.94
C LYS A 18 11.76 -4.01 3.19
N ALA A 19 12.25 -3.55 4.36
CA ALA A 19 11.48 -3.56 5.60
C ALA A 19 10.25 -2.67 5.42
N PHE A 20 10.44 -1.51 4.79
CA PHE A 20 9.33 -0.58 4.60
C PHE A 20 8.36 -1.06 3.54
N HIS A 21 8.84 -1.74 2.50
CA HIS A 21 7.94 -2.35 1.51
C HIS A 21 6.98 -3.27 2.22
N GLN A 22 7.50 -4.10 3.13
CA GLN A 22 6.70 -5.07 3.84
C GLN A 22 5.72 -4.35 4.72
N ALA A 23 6.22 -3.36 5.48
CA ALA A 23 5.33 -2.65 6.38
C ALA A 23 4.18 -1.94 5.59
N LEU A 24 4.54 -1.29 4.49
CA LEU A 24 3.62 -0.46 3.69
C LEU A 24 2.64 -1.22 2.79
N LEU A 25 3.06 -2.39 2.33
CA LEU A 25 2.16 -3.31 1.56
C LEU A 25 1.16 -4.07 2.40
N ALA A 26 1.33 -4.09 3.72
CA ALA A 26 0.43 -4.81 4.64
C ALA A 26 -0.91 -4.12 4.89
N ASN A 27 -1.04 -2.85 4.49
CA ASN A 27 -2.27 -2.09 4.73
C ASN A 27 -2.53 -2.08 6.25
N ASP A 28 -1.52 -1.74 7.01
CA ASP A 28 -1.65 -1.81 8.47
C ASP A 28 -0.81 -0.69 9.07
N LEU A 29 -1.49 0.39 9.44
CA LEU A 29 -0.75 1.54 9.98
C LEU A 29 -0.08 1.21 11.29
N GLY A 30 -0.62 0.27 12.06
CA GLY A 30 0.02 -0.21 13.28
C GLY A 30 1.39 -0.88 13.02
N LEU A 31 1.48 -1.63 11.93
CA LEU A 31 2.75 -2.25 11.55
C LEU A 31 3.78 -1.23 11.06
N VAL A 32 3.31 -0.23 10.34
CA VAL A 32 4.10 0.91 9.95
C VAL A 32 4.68 1.59 11.20
N GLU A 33 3.82 1.88 12.19
CA GLU A 33 4.29 2.48 13.45
C GLU A 33 5.31 1.65 14.19
N PHE A 34 5.07 0.33 14.31
CA PHE A 34 6.07 -0.64 14.80
C PHE A 34 7.40 -0.51 14.04
N THR A 35 7.30 -0.44 12.71
CA THR A 35 8.49 -0.30 11.89
C THR A 35 9.21 1.02 12.25
N LEU A 36 8.47 2.13 12.33
CA LEU A 36 9.09 3.47 12.62
C LEU A 36 9.75 3.46 14.00
N ARG A 37 9.05 2.85 14.95
CA ARG A 37 9.58 2.59 16.29
C ARG A 37 10.91 1.80 16.32
N HIS A 38 11.17 0.90 15.37
CA HIS A 38 12.44 0.15 15.32
C HIS A 38 13.44 0.60 14.30
N THR A 39 13.19 1.67 13.56
CA THR A 39 14.17 2.02 12.52
C THR A 39 14.97 3.21 13.01
N ASP A 40 16.21 3.27 12.57
CA ASP A 40 17.10 4.36 12.94
C ASP A 40 16.77 5.49 11.98
N SER A 41 16.18 6.56 12.51
CA SER A 41 15.83 7.73 11.70
C SER A 41 17.03 8.38 10.97
N ASN A 42 18.22 8.20 11.51
CA ASN A 42 19.42 8.73 10.87
C ASN A 42 19.93 7.82 9.75
N GLN A 43 19.52 6.55 9.76
CA GLN A 43 19.62 5.70 8.56
C GLN A 43 18.50 6.08 7.58
N ALA A 44 17.27 6.12 8.07
CA ALA A 44 16.12 6.37 7.22
C ALA A 44 16.31 7.66 6.44
N PHE A 45 16.70 8.73 7.14
CA PHE A 45 16.67 10.04 6.52
C PHE A 45 18.01 10.67 6.19
N ALA A 46 19.01 9.81 5.96
CA ALA A 46 20.34 10.26 5.55
C ALA A 46 20.39 10.64 4.06
N ARG A 51 19.34 5.40 2.50
CA ARG A 51 18.12 6.17 2.76
C ARG A 51 16.90 5.51 2.14
N LEU A 52 15.72 5.97 2.54
CA LEU A 52 14.44 5.50 1.99
C LEU A 52 14.21 5.97 0.55
N GLU A 53 13.84 5.01 -0.30
CA GLU A 53 13.40 5.26 -1.66
C GLU A 53 12.37 6.36 -1.69
N GLN A 54 12.33 7.14 -2.76
CA GLN A 54 11.26 8.13 -2.94
C GLN A 54 9.86 7.51 -2.90
N LYS A 55 9.69 6.34 -3.53
CA LYS A 55 8.39 5.69 -3.55
C LYS A 55 7.93 5.30 -2.13
N VAL A 56 8.88 4.96 -1.26
CA VAL A 56 8.63 4.61 0.13
C VAL A 56 8.26 5.88 0.90
N LEU A 57 8.97 6.94 0.65
CA LEU A 57 8.67 8.21 1.34
C LEU A 57 7.25 8.67 1.05
N LEU A 58 6.83 8.64 -0.23
CA LEU A 58 5.48 9.13 -0.65
C LEU A 58 4.34 8.25 -0.12
N SER A 59 4.58 6.95 -0.08
CA SER A 59 3.64 5.98 0.54
C SER A 59 3.51 6.17 2.07
N LEU A 60 4.62 6.36 2.74
CA LEU A 60 4.65 6.63 4.17
C LEU A 60 3.87 7.90 4.46
N ILE A 61 4.10 8.93 3.65
CA ILE A 61 3.35 10.19 3.79
C ILE A 61 1.83 9.95 3.63
N GLN A 62 1.48 9.19 2.63
CA GLN A 62 0.14 8.81 2.37
C GLN A 62 -0.52 8.06 3.55
N GLN A 63 0.16 7.05 4.02
CA GLN A 63 -0.38 6.13 5.01
C GLN A 63 -0.52 6.75 6.41
N ILE A 64 0.49 7.51 6.82
CA ILE A 64 0.48 8.18 8.11
C ILE A 64 -0.69 9.20 8.12
N SER A 65 -0.82 9.96 7.04
CA SER A 65 -1.85 11.02 6.96
C SER A 65 -3.25 10.53 6.61
N ALA A 66 -3.35 9.33 6.05
CA ALA A 66 -4.65 8.74 5.71
C ALA A 66 -5.52 8.56 6.96
N ASP A 67 -4.87 8.39 8.10
CA ASP A 67 -5.57 8.21 9.34
C ASP A 67 -4.84 8.87 10.46
N MET A 68 -5.25 10.12 10.77
CA MET A 68 -4.64 10.94 11.79
C MET A 68 -5.51 11.08 13.04
N THR A 69 -6.37 10.10 13.30
CA THR A 69 -7.19 10.12 14.53
C THR A 69 -6.35 9.90 15.81
N ASN A 70 -5.28 9.11 15.70
CA ASN A 70 -4.26 9.05 16.73
C ASN A 70 -2.89 9.39 16.13
N HIS A 71 -2.85 10.57 15.52
CA HIS A 71 -1.60 11.24 15.16
C HIS A 71 -0.80 11.61 16.40
N ASN A 72 0.53 11.45 16.31
CA ASN A 72 1.46 11.72 17.41
C ASN A 72 2.82 12.25 16.91
N GLU A 73 3.72 12.53 17.86
CA GLU A 73 5.08 13.02 17.55
C GLU A 73 5.88 12.06 16.65
N LEU A 74 5.83 10.78 16.95
CA LEU A 74 6.58 9.85 16.11
C LEU A 74 6.13 10.02 14.63
N LYS A 75 4.82 9.90 14.38
CA LYS A 75 4.32 9.97 13.02
C LYS A 75 4.49 11.38 12.43
N GLN A 76 4.33 12.42 13.26
CA GLN A 76 4.50 13.80 12.77
C GLN A 76 5.91 14.02 12.34
N ARG A 77 6.84 13.58 13.18
CA ARG A 77 8.25 13.75 12.90
C ARG A 77 8.64 13.02 11.62
N TYR A 78 8.11 11.79 11.42
CA TYR A 78 8.26 11.12 10.11
C TYR A 78 7.60 11.83 8.96
N LEU A 79 6.42 12.42 9.17
CA LEU A 79 5.79 13.22 8.12
C LEU A 79 6.70 14.38 7.76
N ASN A 80 7.19 15.05 8.79
CA ASN A 80 8.19 16.13 8.63
C ASN A 80 9.41 15.68 7.80
N GLU A 81 10.08 14.64 8.27
CA GLU A 81 11.31 14.15 7.59
C GLU A 81 11.04 13.62 6.23
N ALA A 82 9.95 12.88 6.05
CA ALA A 82 9.64 12.35 4.74
C ALA A 82 9.40 13.47 3.74
N LEU A 83 8.65 14.50 4.13
CA LEU A 83 8.45 15.63 3.23
C LEU A 83 9.79 16.30 2.86
N LEU A 84 10.62 16.54 3.86
CA LEU A 84 11.95 17.17 3.63
C LEU A 84 12.84 16.33 2.74
N ALA A 85 12.61 15.02 2.69
CA ALA A 85 13.39 14.10 1.83
C ALA A 85 12.86 13.94 0.40
N ILE A 86 11.67 14.47 0.12
CA ILE A 86 11.14 14.48 -1.24
C ILE A 86 12.13 15.17 -2.20
N ASN A 87 12.52 14.45 -3.26
CA ASN A 87 13.45 14.96 -4.24
C ASN A 87 12.66 15.30 -5.48
N MET A 88 12.44 16.59 -5.67
CA MET A 88 11.63 17.07 -6.80
C MET A 88 12.35 17.00 -8.16
N ALA A 89 13.62 16.63 -8.18
CA ALA A 89 14.33 16.33 -9.43
C ALA A 89 14.05 14.91 -9.92
N ASP A 90 13.51 14.06 -9.06
CA ASP A 90 13.20 12.69 -9.49
C ASP A 90 11.95 12.78 -10.36
N PRO A 91 12.03 12.33 -11.62
CA PRO A 91 10.89 12.47 -12.55
C PRO A 91 9.58 11.74 -12.10
N ILE A 92 9.70 10.65 -11.38
CA ILE A 92 8.54 9.97 -10.83
C ILE A 92 7.96 10.78 -9.70
N THR A 93 8.84 11.22 -8.79
CA THR A 93 8.40 12.06 -7.72
C THR A 93 7.73 13.33 -8.24
N ARG A 94 8.32 13.95 -9.25
CA ARG A 94 7.74 15.17 -9.83
C ARG A 94 6.28 15.00 -10.34
N GLU A 95 6.00 13.85 -10.94
CA GLU A 95 4.66 13.49 -11.41
C GLU A 95 3.72 13.04 -10.28
N HIS A 96 4.24 12.27 -9.34
CA HIS A 96 3.40 11.66 -8.30
C HIS A 96 3.25 12.57 -7.05
N ALA A 97 4.28 13.33 -6.70
CA ALA A 97 4.24 14.17 -5.47
C ALA A 97 3.07 15.15 -5.44
N PRO A 98 2.79 15.86 -6.54
CA PRO A 98 1.62 16.76 -6.51
C PRO A 98 0.36 16.12 -5.96
N LYS A 99 0.05 14.93 -6.41
CA LYS A 99 -1.14 14.22 -5.95
C LYS A 99 -1.01 13.84 -4.50
N VAL A 100 0.12 13.26 -4.11
CA VAL A 100 0.31 12.84 -2.72
C VAL A 100 0.25 14.04 -1.79
N LEU A 101 0.86 15.16 -2.17
CA LEU A 101 0.85 16.32 -1.27
C LEU A 101 -0.50 17.01 -1.15
N THR A 102 -1.26 17.01 -2.23
CA THR A 102 -2.62 17.56 -2.23
C THR A 102 -3.52 16.79 -1.23
N GLU A 103 -3.39 15.46 -1.24
CA GLU A 103 -4.14 14.62 -0.31
C GLU A 103 -3.62 14.72 1.13
N LEU A 104 -2.29 14.81 1.30
CA LEU A 104 -1.68 15.09 2.59
C LEU A 104 -2.24 16.39 3.16
N TYR A 105 -2.25 17.44 2.32
CA TYR A 105 -2.81 18.72 2.71
C TYR A 105 -4.26 18.64 3.19
N ARG A 106 -5.07 17.93 2.41
CA ARG A 106 -6.50 17.75 2.65
C ARG A 106 -6.71 17.01 3.96
N ASN A 107 -5.94 15.94 4.18
CA ASN A 107 -5.98 15.24 5.45
C ASN A 107 -5.55 16.06 6.65
N CYS A 108 -4.50 16.87 6.48
CA CYS A 108 -4.03 17.77 7.54
C CYS A 108 -5.09 18.80 7.84
N GLN A 109 -5.73 19.33 6.81
CA GLN A 109 -6.83 20.29 7.03
C GLN A 109 -7.97 19.65 7.88
N GLN A 110 -8.29 18.39 7.61
CA GLN A 110 -9.34 17.67 8.39
C GLN A 110 -8.88 17.40 9.80
N PHE A 111 -7.61 17.05 9.96
CA PHE A 111 -7.02 16.86 11.27
C PHE A 111 -7.06 18.11 12.14
N ILE A 112 -6.66 19.25 11.59
CA ILE A 112 -6.68 20.47 12.41
C ILE A 112 -8.10 20.91 12.79
N LYS A 113 -9.10 20.60 11.96
CA LYS A 113 -10.48 20.85 12.32
C LYS A 113 -11.00 19.84 13.36
N ASN A 114 -10.63 18.56 13.21
CA ASN A 114 -11.07 17.50 14.10
C ASN A 114 -10.42 17.52 15.49
N SER A 115 -9.19 18.03 15.56
CA SER A 115 -8.35 17.85 16.74
C SER A 115 -7.64 19.12 17.15
N PRO A 116 -8.41 20.19 17.35
CA PRO A 116 -7.82 21.51 17.60
C PRO A 116 -6.93 21.53 18.83
N LYS A 117 -7.27 20.75 19.86
CA LYS A 117 -6.46 20.68 21.08
C LYS A 117 -5.28 19.71 21.01
N ASN A 118 -5.16 18.91 19.95
CA ASN A 118 -4.08 17.93 19.81
C ASN A 118 -2.69 18.55 19.87
N SER A 119 -1.77 17.79 20.46
CA SER A 119 -0.38 18.21 20.67
C SER A 119 0.36 18.62 19.37
N GLN A 120 0.01 17.96 18.27
CA GLN A 120 0.64 18.23 16.99
C GLN A 120 -0.08 19.31 16.16
N PHE A 121 -1.04 20.04 16.75
CA PHE A 121 -1.85 21.02 15.99
C PHE A 121 -1.01 22.04 15.19
N SER A 122 -0.11 22.76 15.86
CA SER A 122 0.65 23.83 15.21
C SER A 122 1.71 23.24 14.30
N ASN A 123 2.23 22.08 14.67
CA ASN A 123 3.18 21.34 13.84
C ASN A 123 2.55 20.97 12.49
N VAL A 124 1.30 20.51 12.52
CA VAL A 124 0.60 20.19 11.28
C VAL A 124 0.28 21.48 10.51
N ARG A 125 -0.09 22.56 11.21
CA ARG A 125 -0.31 23.82 10.52
C ARG A 125 0.97 24.31 9.82
N LEU A 126 2.11 24.12 10.47
CA LEU A 126 3.37 24.50 9.86
C LEU A 126 3.65 23.59 8.66
N LEU A 127 3.39 22.30 8.82
CA LEU A 127 3.55 21.38 7.72
C LEU A 127 2.75 21.78 6.48
N MET A 128 1.51 22.26 6.68
CA MET A 128 0.61 22.71 5.61
C MET A 128 1.20 23.92 4.85
N LYS A 129 1.86 24.82 5.57
CA LYS A 129 2.66 25.90 4.90
C LYS A 129 3.84 25.39 4.08
N ALA A 130 4.58 24.44 4.63
CA ALA A 130 5.71 23.85 3.94
C ALA A 130 5.27 23.17 2.66
N ILE A 131 4.11 22.49 2.73
CA ILE A 131 3.55 21.76 1.61
C ILE A 131 3.29 22.70 0.43
N ILE A 132 2.79 23.91 0.75
CA ILE A 132 2.53 24.93 -0.28
C ILE A 132 3.79 25.19 -1.10
N THR A 133 4.96 25.21 -0.45
CA THR A 133 6.24 25.45 -1.12
C THR A 133 6.62 24.30 -2.03
N TYR A 134 6.38 23.08 -1.59
CA TYR A 134 6.63 21.92 -2.44
C TYR A 134 5.70 21.87 -3.64
N ARG A 135 4.45 22.29 -3.44
CA ARG A 135 3.48 22.42 -4.52
C ARG A 135 3.65 23.72 -5.30
N GLY B 1 2.71 8.11 -15.76
CA GLY B 1 3.39 8.98 -16.79
C GLY B 1 4.84 8.57 -16.80
N ALA B 2 5.72 9.39 -16.19
CA ALA B 2 7.02 8.90 -15.69
C ALA B 2 6.82 7.59 -14.88
N MET B 3 5.76 7.56 -14.08
CA MET B 3 5.43 6.39 -13.24
C MET B 3 5.06 5.21 -14.14
N GLY B 4 4.13 5.44 -15.05
CA GLY B 4 3.67 4.40 -16.01
C GLY B 4 4.79 3.88 -16.90
N ASP B 5 5.66 4.79 -17.36
CA ASP B 5 6.81 4.43 -18.20
C ASP B 5 7.80 3.56 -17.44
N SER B 6 8.02 3.90 -16.18
CA SER B 6 8.94 3.16 -15.32
C SER B 6 8.46 1.74 -15.08
N ILE B 7 7.16 1.61 -14.84
CA ILE B 7 6.55 0.31 -14.62
C ILE B 7 6.66 -0.55 -15.87
N LYS B 8 6.35 0.03 -17.02
CA LYS B 8 6.52 -0.62 -18.32
C LYS B 8 7.97 -1.08 -18.61
N GLN B 9 8.94 -0.23 -18.33
CA GLN B 9 10.36 -0.62 -18.49
C GLN B 9 10.75 -1.74 -17.52
N LEU B 10 10.31 -1.65 -16.26
CA LEU B 10 10.49 -2.71 -15.28
C LEU B 10 9.82 -3.98 -15.72
N LEU B 11 8.57 -3.89 -16.18
CA LEU B 11 7.90 -5.07 -16.71
C LEU B 11 8.70 -5.73 -17.85
N MET B 12 9.21 -4.93 -18.76
CA MET B 12 9.89 -5.50 -19.92
C MET B 12 11.32 -5.94 -19.66
N ALA B 13 11.88 -5.51 -18.54
CA ALA B 13 13.17 -6.01 -18.04
C ALA B 13 13.05 -7.24 -17.12
N GLY B 14 11.82 -7.79 -16.96
CA GLY B 14 11.59 -8.96 -16.12
C GLY B 14 11.53 -8.66 -14.63
N GLN B 15 11.47 -7.36 -14.31
CA GLN B 15 11.45 -6.89 -12.93
C GLN B 15 9.99 -6.67 -12.51
N ILE B 16 9.21 -7.75 -12.47
CA ILE B 16 7.76 -7.65 -12.26
C ILE B 16 7.46 -7.22 -10.82
N ASN B 17 8.20 -7.75 -9.85
CA ASN B 17 7.98 -7.36 -8.48
C ASN B 17 8.20 -5.90 -8.25
N LYS B 18 9.32 -5.37 -8.77
CA LYS B 18 9.61 -3.97 -8.66
C LYS B 18 8.52 -3.12 -9.30
N ALA B 19 8.04 -3.53 -10.49
CA ALA B 19 6.92 -2.86 -11.15
C ALA B 19 5.68 -2.86 -10.21
N PHE B 20 5.38 -4.00 -9.61
CA PHE B 20 4.17 -4.10 -8.75
C PHE B 20 4.31 -3.31 -7.46
N HIS B 21 5.52 -3.26 -6.89
CA HIS B 21 5.79 -2.40 -5.74
C HIS B 21 5.39 -0.96 -6.05
N GLN B 22 5.84 -0.43 -7.17
CA GLN B 22 5.56 0.96 -7.56
C GLN B 22 4.02 1.13 -7.72
N ALA B 23 3.34 0.20 -8.37
CA ALA B 23 1.89 0.32 -8.61
C ALA B 23 1.07 0.23 -7.31
N LEU B 24 1.42 -0.74 -6.45
CA LEU B 24 0.71 -0.96 -5.17
C LEU B 24 1.04 0.08 -4.07
N LEU B 25 2.19 0.70 -4.10
CA LEU B 25 2.51 1.76 -3.17
C LEU B 25 1.92 3.10 -3.49
N ALA B 26 1.38 3.23 -4.71
CA ALA B 26 0.87 4.47 -5.20
C ALA B 26 -0.50 4.83 -4.62
N ASN B 27 -1.19 3.84 -4.06
CA ASN B 27 -2.60 3.95 -3.68
C ASN B 27 -3.42 4.52 -4.86
N ASP B 28 -3.44 3.80 -5.98
CA ASP B 28 -4.18 4.22 -7.18
C ASP B 28 -4.55 2.97 -7.95
N LEU B 29 -5.82 2.58 -7.86
CA LEU B 29 -6.27 1.33 -8.48
C LEU B 29 -6.19 1.45 -9.99
N GLY B 30 -6.32 2.66 -10.51
CA GLY B 30 -6.19 2.86 -11.96
C GLY B 30 -4.78 2.48 -12.42
N LEU B 31 -3.79 2.84 -11.61
CA LEU B 31 -2.39 2.48 -11.89
C LEU B 31 -2.16 0.97 -11.71
N VAL B 32 -2.81 0.38 -10.74
CA VAL B 32 -2.76 -1.06 -10.60
C VAL B 32 -3.37 -1.73 -11.81
N GLU B 33 -4.53 -1.27 -12.25
CA GLU B 33 -5.17 -1.85 -13.44
C GLU B 33 -4.30 -1.66 -14.71
N PHE B 34 -3.68 -0.50 -14.84
CA PHE B 34 -2.68 -0.19 -15.90
C PHE B 34 -1.56 -1.23 -15.88
N THR B 35 -1.08 -1.54 -14.69
CA THR B 35 -0.02 -2.52 -14.51
C THR B 35 -0.46 -3.91 -14.91
N LEU B 36 -1.68 -4.28 -14.56
CA LEU B 36 -2.21 -5.58 -14.94
C LEU B 36 -2.34 -5.73 -16.47
N ARG B 37 -2.85 -4.69 -17.10
CA ARG B 37 -2.99 -4.65 -18.57
C ARG B 37 -1.66 -4.84 -19.27
N HIS B 38 -0.61 -4.25 -18.71
CA HIS B 38 0.73 -4.31 -19.28
C HIS B 38 1.57 -5.54 -18.91
N THR B 39 1.15 -6.30 -17.91
CA THR B 39 1.92 -7.50 -17.52
C THR B 39 1.45 -8.83 -18.16
N ASP B 40 0.15 -8.97 -18.38
CA ASP B 40 -0.47 -10.27 -18.73
C ASP B 40 0.27 -11.53 -18.21
N ARG B 51 8.69 -14.77 -10.41
CA ARG B 51 7.32 -14.76 -9.84
C ARG B 51 7.08 -13.66 -8.80
N LEU B 52 5.82 -13.22 -8.65
CA LEU B 52 5.45 -12.20 -7.66
C LEU B 52 5.62 -12.63 -6.17
N GLU B 53 6.21 -11.76 -5.37
CA GLU B 53 6.38 -11.99 -3.93
C GLU B 53 5.01 -12.18 -3.28
N GLN B 54 4.97 -12.97 -2.20
CA GLN B 54 3.78 -13.19 -1.43
C GLN B 54 3.17 -11.88 -0.97
N LYS B 55 4.00 -10.98 -0.42
CA LYS B 55 3.48 -9.68 0.03
C LYS B 55 2.80 -8.85 -1.08
N VAL B 56 3.34 -8.96 -2.28
CA VAL B 56 2.76 -8.37 -3.48
C VAL B 56 1.38 -8.99 -3.81
N LEU B 57 1.29 -10.33 -3.79
CA LEU B 57 0.04 -11.04 -4.09
C LEU B 57 -1.04 -10.61 -3.12
N LEU B 58 -0.69 -10.51 -1.85
CA LEU B 58 -1.70 -10.21 -0.84
C LEU B 58 -2.21 -8.78 -0.93
N SER B 59 -1.29 -7.86 -1.20
CA SER B 59 -1.62 -6.44 -1.38
C SER B 59 -2.49 -6.31 -2.63
N LEU B 60 -2.08 -6.98 -3.68
CA LEU B 60 -2.86 -6.98 -4.94
C LEU B 60 -4.30 -7.43 -4.71
N ILE B 61 -4.45 -8.52 -3.97
CA ILE B 61 -5.77 -9.06 -3.66
C ILE B 61 -6.61 -8.04 -2.89
N GLN B 62 -6.02 -7.46 -1.84
CA GLN B 62 -6.64 -6.42 -1.03
C GLN B 62 -7.08 -5.19 -1.86
N GLN B 63 -6.22 -4.76 -2.75
CA GLN B 63 -6.46 -3.55 -3.52
C GLN B 63 -7.51 -3.75 -4.60
N ILE B 64 -7.43 -4.87 -5.32
CA ILE B 64 -8.41 -5.22 -6.33
C ILE B 64 -9.81 -5.36 -5.75
N SER B 65 -9.92 -6.06 -4.63
CA SER B 65 -11.22 -6.34 -4.09
C SER B 65 -11.75 -5.25 -3.17
N ALA B 66 -10.92 -4.27 -2.78
CA ALA B 66 -11.42 -3.16 -1.98
C ALA B 66 -12.57 -2.46 -2.71
N ASP B 67 -12.48 -2.31 -4.02
CA ASP B 67 -13.53 -1.66 -4.83
C ASP B 67 -14.05 -2.59 -5.93
N MET B 68 -15.05 -3.38 -5.60
CA MET B 68 -15.63 -4.32 -6.57
C MET B 68 -16.96 -3.80 -7.12
N THR B 69 -17.32 -2.55 -6.77
CA THR B 69 -18.34 -1.80 -7.51
C THR B 69 -18.01 -1.85 -9.01
N ASN B 70 -16.74 -1.60 -9.36
CA ASN B 70 -16.26 -1.64 -10.75
C ASN B 70 -15.47 -2.91 -11.12
N HIS B 71 -15.70 -4.00 -10.40
CA HIS B 71 -15.07 -5.28 -10.74
C HIS B 71 -15.28 -5.65 -12.20
N ASN B 72 -14.27 -6.31 -12.80
CA ASN B 72 -14.28 -6.72 -14.24
C ASN B 72 -13.46 -8.00 -14.51
N GLU B 73 -13.35 -8.41 -15.77
CA GLU B 73 -12.68 -9.67 -16.12
C GLU B 73 -11.20 -9.67 -15.85
N LEU B 74 -10.54 -8.56 -16.18
CA LEU B 74 -9.11 -8.42 -15.91
C LEU B 74 -8.78 -8.55 -14.43
N LYS B 75 -9.53 -7.84 -13.59
CA LYS B 75 -9.29 -7.85 -12.16
C LYS B 75 -9.65 -9.21 -11.56
N GLN B 76 -10.66 -9.87 -12.11
CA GLN B 76 -11.06 -11.19 -11.60
C GLN B 76 -9.99 -12.23 -11.94
N ARG B 77 -9.37 -12.09 -13.12
CA ARG B 77 -8.34 -13.00 -13.56
C ARG B 77 -7.13 -12.93 -12.65
N TYR B 78 -6.72 -11.72 -12.30
CA TYR B 78 -5.58 -11.55 -11.42
C TYR B 78 -5.94 -11.85 -9.97
N LEU B 79 -7.20 -11.65 -9.59
CA LEU B 79 -7.70 -12.10 -8.28
C LEU B 79 -7.53 -13.61 -8.18
N ASN B 80 -8.01 -14.27 -9.22
CA ASN B 80 -7.87 -15.73 -9.37
CA ASN B 80 -7.89 -15.70 -9.30
C ASN B 80 -6.44 -16.18 -9.29
N GLU B 81 -5.60 -15.60 -10.15
CA GLU B 81 -4.19 -15.98 -10.19
C GLU B 81 -3.46 -15.72 -8.89
N ALA B 82 -3.74 -14.58 -8.28
CA ALA B 82 -3.07 -14.20 -7.02
C ALA B 82 -3.39 -15.16 -5.90
N LEU B 83 -4.68 -15.46 -5.73
CA LEU B 83 -5.12 -16.46 -4.75
C LEU B 83 -4.40 -17.77 -4.94
N LEU B 84 -4.42 -18.27 -6.16
CA LEU B 84 -3.79 -19.53 -6.48
C LEU B 84 -2.28 -19.55 -6.27
N ALA B 85 -1.63 -18.39 -6.22
CA ALA B 85 -0.19 -18.34 -5.93
C ALA B 85 0.18 -18.13 -4.45
N ILE B 86 -0.81 -17.98 -3.57
CA ILE B 86 -0.62 -17.95 -2.12
C ILE B 86 0.13 -19.23 -1.66
N ASN B 87 1.16 -19.03 -0.86
CA ASN B 87 2.01 -20.14 -0.42
C ASN B 87 1.80 -20.29 1.06
N MET B 88 1.10 -21.34 1.46
CA MET B 88 0.80 -21.56 2.86
C MET B 88 2.03 -22.01 3.69
N ALA B 89 3.14 -22.33 3.03
CA ALA B 89 4.38 -22.62 3.73
C ALA B 89 5.09 -21.34 4.23
N ASP B 90 4.73 -20.18 3.72
CA ASP B 90 5.34 -18.91 4.09
C ASP B 90 4.65 -18.40 5.36
N PRO B 91 5.39 -18.25 6.44
CA PRO B 91 4.70 -17.81 7.67
C PRO B 91 4.14 -16.37 7.67
N ILE B 92 4.69 -15.49 6.85
CA ILE B 92 4.10 -14.15 6.67
C ILE B 92 2.74 -14.27 5.97
N THR B 93 2.67 -15.07 4.91
CA THR B 93 1.41 -15.39 4.28
C THR B 93 0.39 -15.99 5.25
N ARG B 94 0.80 -16.96 6.09
CA ARG B 94 -0.15 -17.57 7.06
C ARG B 94 -0.63 -16.51 8.09
N GLU B 95 0.24 -15.58 8.41
CA GLU B 95 -0.12 -14.49 9.33
C GLU B 95 -1.13 -13.52 8.71
N HIS B 96 -0.91 -13.14 7.46
CA HIS B 96 -1.59 -11.98 6.87
C HIS B 96 -2.80 -12.40 6.05
N ALA B 97 -2.74 -13.62 5.49
CA ALA B 97 -3.83 -14.10 4.65
C ALA B 97 -5.20 -14.14 5.32
N PRO B 98 -5.28 -14.57 6.59
CA PRO B 98 -6.60 -14.60 7.24
C PRO B 98 -7.38 -13.29 7.08
N LYS B 99 -6.77 -12.17 7.45
CA LYS B 99 -7.37 -10.85 7.23
C LYS B 99 -7.71 -10.63 5.76
N VAL B 100 -6.71 -10.84 4.89
CA VAL B 100 -6.87 -10.50 3.48
C VAL B 100 -7.97 -11.34 2.87
N LEU B 101 -7.99 -12.64 3.16
CA LEU B 101 -8.99 -13.53 2.59
C LEU B 101 -10.38 -13.31 3.21
N THR B 102 -10.42 -12.96 4.48
CA THR B 102 -11.69 -12.60 5.16
C THR B 102 -12.34 -11.34 4.58
N GLU B 103 -11.54 -10.29 4.41
CA GLU B 103 -12.03 -9.07 3.78
C GLU B 103 -12.36 -9.31 2.30
N LEU B 104 -11.58 -10.12 1.60
CA LEU B 104 -11.93 -10.45 0.22
C LEU B 104 -13.30 -11.12 0.14
N TYR B 105 -13.49 -12.19 0.92
CA TYR B 105 -14.78 -12.90 0.97
C TYR B 105 -15.95 -11.93 1.28
N ARG B 106 -15.76 -11.07 2.27
CA ARG B 106 -16.75 -10.03 2.61
C ARG B 106 -17.06 -9.15 1.40
N ASN B 107 -16.02 -8.69 0.72
CA ASN B 107 -16.18 -7.88 -0.49
C ASN B 107 -16.81 -8.65 -1.66
N CYS B 108 -16.52 -9.95 -1.77
CA CYS B 108 -17.21 -10.77 -2.76
C CYS B 108 -18.69 -10.95 -2.43
N GLN B 109 -19.00 -11.20 -1.16
CA GLN B 109 -20.38 -11.30 -0.69
C GLN B 109 -21.17 -10.04 -1.03
N GLN B 110 -20.55 -8.89 -0.77
CA GLN B 110 -21.18 -7.62 -1.05
C GLN B 110 -21.45 -7.47 -2.56
N PHE B 111 -20.45 -7.83 -3.35
CA PHE B 111 -20.55 -7.81 -4.80
C PHE B 111 -21.67 -8.73 -5.34
N ILE B 112 -21.74 -9.96 -4.84
CA ILE B 112 -22.77 -10.92 -5.29
C ILE B 112 -24.18 -10.38 -4.99
N LYS B 113 -24.28 -9.67 -3.86
CA LYS B 113 -25.48 -8.95 -3.49
C LYS B 113 -25.77 -7.70 -4.34
N ASN B 114 -24.78 -6.82 -4.47
CA ASN B 114 -24.97 -5.52 -5.10
C ASN B 114 -24.79 -5.50 -6.63
N SER B 115 -24.08 -6.49 -7.19
CA SER B 115 -23.80 -6.51 -8.65
C SER B 115 -24.17 -7.84 -9.27
N PRO B 116 -25.45 -8.25 -9.14
CA PRO B 116 -25.87 -9.61 -9.49
C PRO B 116 -25.98 -9.92 -10.99
N LYS B 117 -25.91 -8.87 -11.81
CA LYS B 117 -25.85 -9.04 -13.26
C LYS B 117 -24.46 -8.73 -13.81
N ASN B 118 -23.47 -8.57 -12.92
CA ASN B 118 -22.09 -8.37 -13.39
C ASN B 118 -21.61 -9.65 -14.04
N SER B 119 -20.90 -9.50 -15.15
CA SER B 119 -20.43 -10.65 -15.93
C SER B 119 -19.55 -11.62 -15.11
N GLN B 120 -18.98 -11.13 -14.01
CA GLN B 120 -18.11 -11.95 -13.18
C GLN B 120 -18.81 -12.63 -12.02
N PHE B 121 -20.13 -12.66 -12.05
CA PHE B 121 -20.93 -13.10 -10.92
C PHE B 121 -20.62 -14.55 -10.58
N SER B 122 -20.65 -15.46 -11.55
CA SER B 122 -20.36 -16.88 -11.26
C SER B 122 -18.88 -17.09 -10.91
N ASN B 123 -18.01 -16.29 -11.54
CA ASN B 123 -16.60 -16.34 -11.25
C ASN B 123 -16.31 -15.99 -9.81
N VAL B 124 -16.97 -14.95 -9.31
CA VAL B 124 -16.87 -14.58 -7.92
C VAL B 124 -17.45 -15.65 -6.99
N ARG B 125 -18.59 -16.26 -7.35
CA ARG B 125 -19.12 -17.37 -6.55
C ARG B 125 -18.10 -18.51 -6.41
N LEU B 126 -17.48 -18.85 -7.53
CA LEU B 126 -16.46 -19.88 -7.50
C LEU B 126 -15.27 -19.43 -6.70
N LEU B 127 -14.91 -18.15 -6.84
CA LEU B 127 -13.80 -17.61 -6.09
C LEU B 127 -14.03 -17.78 -4.58
N MET B 128 -15.27 -17.50 -4.14
CA MET B 128 -15.66 -17.63 -2.75
C MET B 128 -15.57 -19.07 -2.24
N LYS B 129 -15.97 -20.03 -3.06
CA LYS B 129 -15.77 -21.47 -2.78
C LYS B 129 -14.31 -21.84 -2.55
N ALA B 130 -13.42 -21.34 -3.40
CA ALA B 130 -12.00 -21.56 -3.29
C ALA B 130 -11.41 -20.91 -2.04
N ILE B 131 -11.88 -19.71 -1.68
CA ILE B 131 -11.43 -19.02 -0.44
C ILE B 131 -11.67 -19.91 0.77
N ILE B 132 -12.82 -20.57 0.80
CA ILE B 132 -13.12 -21.55 1.85
C ILE B 132 -12.03 -22.61 1.96
N THR B 133 -11.52 -23.11 0.83
CA THR B 133 -10.42 -24.04 0.83
C THR B 133 -9.16 -23.48 1.51
N TYR B 134 -8.83 -22.23 1.22
CA TYR B 134 -7.66 -21.58 1.80
C TYR B 134 -7.78 -21.37 3.29
N ARG B 135 -8.97 -20.95 3.73
CA ARG B 135 -9.16 -20.74 5.13
C ARG B 135 -9.22 -22.05 5.91
N ASP B 136 -9.73 -23.12 5.30
CA ASP B 136 -9.57 -24.46 5.90
C ASP B 136 -8.12 -24.89 5.95
N GLN B 137 -7.33 -24.48 4.96
CA GLN B 137 -5.93 -24.84 4.86
C GLN B 137 -5.03 -24.06 5.83
N LEU B 138 -5.50 -22.88 6.25
CA LEU B 138 -4.86 -22.14 7.34
C LEU B 138 -5.09 -22.89 8.65
#